data_7D7U
#
_entry.id   7D7U
#
_cell.length_a   47.170
_cell.length_b   65.770
_cell.length_c   40.790
_cell.angle_alpha   105.830
_cell.angle_beta   96.460
_cell.angle_gamma   87.560
#
_symmetry.space_group_name_H-M   'P 1'
#
loop_
_entity.id
_entity.type
_entity.pdbx_description
1 polymer 'Protein argonaute-2'
2 non-polymer "8-BROMO-ADENOSINE-5'-MONOPHOSPHATE"
3 water water
#
_entity_poly.entity_id   1
_entity_poly.type   'polypeptide(L)'
_entity_poly.pdbx_seq_one_letter_code
;KQFHTGIEIKVWAIACFAPQRQCTEVHLKSFTEQLRKISRDAGMPIQGQPCFCKYAQGADSVEPMFRHLKNTYAGLQLVV
VILPGKTPVYAEVKRVGDTVLGMATQCVQMKNVQRTTPQTLSNLCLKINVKLGGVNNIL
;
_entity_poly.pdbx_strand_id   A,B,C
#
loop_
_chem_comp.id
_chem_comp.type
_chem_comp.name
_chem_comp.formula
8BR non-polymer 8-BROMO-ADENOSINE-5'-MONOPHOSPHATE 'C10 H13 Br N5 O7 P'
#
# COMPACT_ATOMS: atom_id res chain seq x y z
N LYS A 1 -18.03 -11.99 8.61
CA LYS A 1 -19.45 -11.57 8.45
C LYS A 1 -19.94 -12.10 7.09
N GLN A 2 -20.08 -11.23 6.08
CA GLN A 2 -20.61 -11.56 4.73
C GLN A 2 -19.46 -12.06 3.84
N PHE A 3 -19.83 -12.70 2.74
CA PHE A 3 -18.90 -13.31 1.77
C PHE A 3 -18.52 -12.25 0.73
N HIS A 4 -17.21 -12.09 0.49
CA HIS A 4 -16.68 -11.09 -0.47
C HIS A 4 -16.52 -11.70 -1.86
N THR A 5 -17.03 -10.98 -2.87
CA THR A 5 -16.90 -11.28 -4.32
C THR A 5 -15.71 -10.52 -4.89
N GLY A 6 -15.16 -11.02 -6.00
CA GLY A 6 -14.06 -10.35 -6.72
C GLY A 6 -12.69 -10.61 -6.11
N ILE A 7 -12.54 -11.56 -5.16
CA ILE A 7 -11.18 -12.07 -4.82
C ILE A 7 -10.72 -13.00 -5.95
N GLU A 8 -9.53 -12.71 -6.51
CA GLU A 8 -8.68 -13.62 -7.33
C GLU A 8 -7.32 -13.84 -6.66
N ILE A 9 -6.99 -15.06 -6.27
CA ILE A 9 -5.64 -15.36 -5.68
C ILE A 9 -4.74 -15.95 -6.78
N LYS A 10 -3.88 -15.09 -7.31
CA LYS A 10 -2.96 -15.38 -8.44
C LYS A 10 -1.58 -15.77 -7.91
N VAL A 11 -1.10 -15.14 -6.84
CA VAL A 11 0.29 -15.39 -6.34
C VAL A 11 0.22 -15.83 -4.88
N TRP A 12 0.43 -17.11 -4.64
CA TRP A 12 0.39 -17.67 -3.28
C TRP A 12 1.43 -18.78 -3.16
N ALA A 13 1.80 -19.11 -1.94
CA ALA A 13 2.82 -20.12 -1.63
C ALA A 13 2.25 -21.11 -0.61
N ILE A 14 2.80 -22.31 -0.66
CA ILE A 14 2.62 -23.33 0.39
C ILE A 14 3.91 -23.45 1.16
N ALA A 15 3.87 -23.29 2.48
CA ALA A 15 4.96 -23.68 3.40
C ALA A 15 4.48 -24.87 4.22
N CYS A 16 5.04 -26.03 3.95
CA CYS A 16 4.59 -27.29 4.57
C CYS A 16 5.51 -27.64 5.73
N PHE A 17 4.99 -27.46 6.94
CA PHE A 17 5.70 -27.75 8.19
C PHE A 17 5.39 -29.17 8.64
N ALA A 18 4.50 -29.86 7.95
CA ALA A 18 4.31 -31.32 8.15
C ALA A 18 5.50 -32.03 7.51
N PRO A 19 5.99 -33.13 8.10
CA PRO A 19 7.06 -33.92 7.49
C PRO A 19 6.58 -34.53 6.16
N GLN A 20 7.42 -34.48 5.13
CA GLN A 20 7.09 -34.98 3.77
C GLN A 20 6.62 -36.44 3.83
N ARG A 21 7.19 -37.25 4.73
CA ARG A 21 6.84 -38.70 4.82
C ARG A 21 5.37 -38.85 5.24
N GLN A 22 4.76 -37.86 5.90
CA GLN A 22 3.33 -37.91 6.31
C GLN A 22 2.44 -37.13 5.33
N CYS A 23 2.98 -36.05 4.79
CA CYS A 23 2.27 -35.13 3.88
C CYS A 23 3.14 -34.91 2.64
N THR A 24 2.94 -35.79 1.64
CA THR A 24 3.79 -36.05 0.43
C THR A 24 3.47 -35.03 -0.66
N GLU A 25 4.23 -35.02 -1.76
CA GLU A 25 3.99 -34.06 -2.88
C GLU A 25 2.59 -34.30 -3.46
N VAL A 26 2.12 -35.55 -3.50
CA VAL A 26 0.81 -35.87 -4.13
C VAL A 26 -0.32 -35.44 -3.19
N HIS A 27 -0.13 -35.52 -1.88
CA HIS A 27 -1.07 -34.92 -0.91
C HIS A 27 -1.19 -33.42 -1.19
N LEU A 28 -0.06 -32.75 -1.39
CA LEU A 28 -0.05 -31.28 -1.60
C LEU A 28 -0.79 -30.94 -2.89
N LYS A 29 -0.52 -31.67 -3.96
CA LYS A 29 -1.05 -31.40 -5.31
C LYS A 29 -2.56 -31.61 -5.35
N SER A 30 -3.00 -32.68 -4.70
CA SER A 30 -4.41 -33.13 -4.58
C SER A 30 -5.19 -32.11 -3.77
N PHE A 31 -4.70 -31.80 -2.57
CA PHE A 31 -5.24 -30.73 -1.71
C PHE A 31 -5.41 -29.44 -2.51
N THR A 32 -4.37 -29.04 -3.24
CA THR A 32 -4.35 -27.80 -4.01
C THR A 32 -5.43 -27.86 -5.10
N GLU A 33 -5.48 -28.95 -5.85
CA GLU A 33 -6.44 -29.08 -6.97
C GLU A 33 -7.86 -28.94 -6.42
N GLN A 34 -8.11 -29.51 -5.25
CA GLN A 34 -9.47 -29.55 -4.65
C GLN A 34 -9.85 -28.13 -4.24
N LEU A 35 -8.92 -27.44 -3.56
CA LEU A 35 -9.03 -26.03 -3.16
C LEU A 35 -9.27 -25.16 -4.41
N ARG A 36 -8.54 -25.43 -5.48
CA ARG A 36 -8.72 -24.71 -6.77
C ARG A 36 -10.17 -24.84 -7.23
N LYS A 37 -10.71 -26.06 -7.23
CA LYS A 37 -12.03 -26.36 -7.81
C LYS A 37 -13.14 -25.73 -6.94
N ILE A 38 -13.07 -25.81 -5.62
CA ILE A 38 -14.13 -25.25 -4.73
C ILE A 38 -14.03 -23.72 -4.65
N SER A 39 -12.84 -23.12 -4.63
CA SER A 39 -12.64 -21.65 -4.56
C SER A 39 -13.19 -21.03 -5.85
N ARG A 40 -12.92 -21.68 -6.98
CA ARG A 40 -13.46 -21.38 -8.33
C ARG A 40 -14.99 -21.39 -8.27
N ASP A 41 -15.61 -22.43 -7.72
CA ASP A 41 -17.09 -22.59 -7.75
C ASP A 41 -17.75 -21.56 -6.82
N ALA A 42 -17.07 -21.09 -5.78
CA ALA A 42 -17.55 -20.05 -4.83
C ALA A 42 -17.32 -18.61 -5.36
N GLY A 43 -16.61 -18.47 -6.47
CA GLY A 43 -16.28 -17.15 -7.04
C GLY A 43 -15.16 -16.47 -6.27
N MET A 44 -14.20 -17.26 -5.78
CA MET A 44 -12.97 -16.70 -5.17
C MET A 44 -11.81 -17.55 -5.65
N PRO A 45 -11.58 -17.59 -6.98
CA PRO A 45 -10.64 -18.52 -7.57
C PRO A 45 -9.20 -18.37 -7.06
N ILE A 46 -8.63 -19.45 -6.53
CA ILE A 46 -7.19 -19.63 -6.21
C ILE A 46 -6.55 -20.37 -7.39
N GLN A 47 -5.64 -19.72 -8.07
CA GLN A 47 -4.94 -20.36 -9.20
C GLN A 47 -4.34 -21.69 -8.73
N GLY A 48 -4.29 -22.67 -9.63
CA GLY A 48 -3.91 -24.06 -9.33
C GLY A 48 -2.44 -24.19 -9.02
N GLN A 49 -1.61 -23.26 -9.51
CA GLN A 49 -0.13 -23.36 -9.42
C GLN A 49 0.42 -22.35 -8.41
N PRO A 50 0.73 -22.75 -7.15
CA PRO A 50 1.40 -21.87 -6.20
C PRO A 50 2.81 -21.54 -6.71
N CYS A 51 3.30 -20.33 -6.40
CA CYS A 51 4.56 -19.79 -6.94
C CYS A 51 5.76 -20.42 -6.19
N PHE A 52 5.51 -21.02 -5.03
CA PHE A 52 6.52 -21.64 -4.14
C PHE A 52 5.82 -22.79 -3.39
N CYS A 53 6.50 -23.91 -3.20
CA CYS A 53 5.99 -25.05 -2.40
C CYS A 53 7.16 -25.85 -1.82
N LYS A 54 7.44 -25.67 -0.54
CA LYS A 54 8.60 -26.30 0.11
C LYS A 54 8.22 -26.81 1.50
N TYR A 55 9.00 -27.79 1.97
CA TYR A 55 8.95 -28.37 3.32
C TYR A 55 9.91 -27.58 4.21
N ALA A 56 9.57 -27.47 5.48
CA ALA A 56 10.34 -26.74 6.49
C ALA A 56 10.04 -27.40 7.82
N GLN A 57 10.90 -27.19 8.80
CA GLN A 57 10.75 -27.84 10.12
C GLN A 57 11.22 -26.82 11.15
N GLY A 58 10.36 -26.60 12.16
CA GLY A 58 10.64 -25.78 13.35
C GLY A 58 10.20 -24.35 13.18
N ALA A 59 9.80 -23.71 14.28
CA ALA A 59 9.48 -22.28 14.38
C ALA A 59 10.65 -21.43 13.84
N ASP A 60 11.88 -21.93 14.01
CA ASP A 60 13.15 -21.23 13.68
C ASP A 60 13.23 -20.98 12.18
N SER A 61 12.56 -21.82 11.38
CA SER A 61 12.61 -21.77 9.91
C SER A 61 11.60 -20.75 9.38
N VAL A 62 10.62 -20.35 10.19
CA VAL A 62 9.52 -19.48 9.74
C VAL A 62 10.06 -18.13 9.26
N GLU A 63 10.73 -17.35 10.10
CA GLU A 63 11.05 -15.94 9.71
C GLU A 63 11.93 -15.91 8.48
N PRO A 64 12.98 -16.76 8.38
CA PRO A 64 13.80 -16.78 7.17
C PRO A 64 13.01 -17.18 5.91
N MET A 65 12.09 -18.12 6.03
CA MET A 65 11.30 -18.53 4.84
C MET A 65 10.45 -17.34 4.41
N PHE A 66 9.80 -16.66 5.35
CA PHE A 66 8.84 -15.57 5.00
C PHE A 66 9.65 -14.39 4.43
N ARG A 67 10.82 -14.09 5.01
CA ARG A 67 11.70 -13.03 4.46
C ARG A 67 12.03 -13.41 3.02
N HIS A 68 12.37 -14.67 2.76
CA HIS A 68 12.70 -15.14 1.40
C HIS A 68 11.50 -14.94 0.45
N LEU A 69 10.30 -15.33 0.89
CA LEU A 69 9.10 -15.24 0.02
C LEU A 69 8.84 -13.77 -0.29
N LYS A 70 8.93 -12.91 0.73
CA LYS A 70 8.63 -11.47 0.53
C LYS A 70 9.64 -10.91 -0.46
N ASN A 71 10.87 -11.40 -0.44
CA ASN A 71 11.99 -10.84 -1.24
C ASN A 71 11.99 -11.44 -2.63
N THR A 72 11.21 -12.49 -2.88
CA THR A 72 11.34 -13.30 -4.12
C THR A 72 10.15 -13.11 -5.05
N TYR A 73 8.91 -13.00 -4.51
CA TYR A 73 7.62 -13.18 -5.25
C TYR A 73 6.83 -11.88 -5.16
N ALA A 74 6.96 -11.02 -6.17
CA ALA A 74 6.22 -9.75 -6.27
C ALA A 74 4.74 -10.10 -6.34
N GLY A 75 3.90 -9.42 -5.58
CA GLY A 75 2.43 -9.61 -5.66
C GLY A 75 1.95 -10.83 -4.89
N LEU A 76 2.80 -11.39 -4.03
CA LEU A 76 2.43 -12.49 -3.11
C LEU A 76 1.19 -12.04 -2.33
N GLN A 77 0.11 -12.80 -2.43
CA GLN A 77 -1.18 -12.47 -1.76
C GLN A 77 -1.38 -13.31 -0.48
N LEU A 78 -0.78 -14.50 -0.42
CA LEU A 78 -1.13 -15.47 0.64
C LEU A 78 -0.06 -16.54 0.72
N VAL A 79 0.32 -16.87 1.94
CA VAL A 79 1.04 -18.12 2.29
C VAL A 79 0.09 -19.05 3.04
N VAL A 80 -0.15 -20.23 2.47
CA VAL A 80 -0.86 -21.37 3.10
C VAL A 80 0.15 -22.19 3.89
N VAL A 81 -0.05 -22.28 5.18
CA VAL A 81 0.91 -22.96 6.09
C VAL A 81 0.30 -24.25 6.63
N ILE A 82 0.93 -25.39 6.36
CA ILE A 82 0.43 -26.73 6.79
C ILE A 82 1.15 -27.13 8.07
N LEU A 83 0.37 -27.44 9.11
CA LEU A 83 0.86 -27.72 10.48
C LEU A 83 0.52 -29.15 10.83
N PRO A 84 1.52 -29.90 11.34
CA PRO A 84 1.31 -31.24 11.88
C PRO A 84 0.77 -31.23 13.31
N GLY A 85 -0.52 -31.02 13.49
CA GLY A 85 -1.12 -30.95 14.83
C GLY A 85 -0.72 -29.64 15.48
N LYS A 86 -0.83 -29.55 16.82
CA LYS A 86 -0.54 -28.36 17.67
C LYS A 86 0.97 -28.17 17.73
N THR A 87 1.48 -26.97 17.43
CA THR A 87 2.93 -26.68 17.33
C THR A 87 3.17 -25.18 17.53
N PRO A 88 4.27 -24.78 18.19
CA PRO A 88 4.63 -23.36 18.28
C PRO A 88 4.86 -22.69 16.92
N VAL A 89 4.94 -23.47 15.84
CA VAL A 89 5.07 -22.87 14.47
C VAL A 89 3.88 -21.92 14.22
N TYR A 90 2.66 -22.26 14.69
CA TYR A 90 1.45 -21.45 14.43
C TYR A 90 1.73 -20.02 14.89
N ALA A 91 2.13 -19.86 16.15
CA ALA A 91 2.29 -18.54 16.81
C ALA A 91 3.38 -17.73 16.11
N GLU A 92 4.44 -18.39 15.66
CA GLU A 92 5.57 -17.76 14.95
C GLU A 92 5.11 -17.30 13.59
N VAL A 93 4.39 -18.14 12.87
CA VAL A 93 3.80 -17.80 11.55
C VAL A 93 3.01 -16.50 11.71
N LYS A 94 2.23 -16.38 12.77
CA LYS A 94 1.33 -15.21 13.01
C LYS A 94 2.17 -14.05 13.53
N ARG A 95 3.21 -14.32 14.32
CA ARG A 95 4.11 -13.21 14.74
C ARG A 95 4.64 -12.54 13.49
N VAL A 96 5.21 -13.34 12.58
CA VAL A 96 6.03 -12.82 11.44
C VAL A 96 5.11 -12.22 10.38
N GLY A 97 4.03 -12.92 10.06
CA GLY A 97 3.07 -12.48 9.03
C GLY A 97 2.25 -11.27 9.46
N ASP A 98 1.67 -11.33 10.65
CA ASP A 98 0.68 -10.34 11.12
C ASP A 98 1.41 -9.11 11.68
N THR A 99 2.55 -9.27 12.36
CA THR A 99 3.11 -8.19 13.20
C THR A 99 4.55 -7.85 12.82
N VAL A 100 5.14 -8.44 11.77
CA VAL A 100 6.53 -8.09 11.32
C VAL A 100 6.57 -7.73 9.82
N LEU A 101 6.13 -8.61 8.92
CA LEU A 101 6.28 -8.39 7.46
C LEU A 101 4.95 -8.04 6.76
N GLY A 102 3.80 -7.99 7.47
CA GLY A 102 2.50 -7.58 6.86
C GLY A 102 2.13 -8.51 5.71
N MET A 103 2.17 -9.83 5.97
CA MET A 103 1.99 -10.92 4.97
C MET A 103 0.78 -11.75 5.40
N ALA A 104 -0.27 -11.82 4.57
CA ALA A 104 -1.46 -12.63 4.91
C ALA A 104 -1.03 -14.10 4.97
N THR A 105 -1.39 -14.81 6.03
CA THR A 105 -1.17 -16.28 6.18
C THR A 105 -2.49 -16.99 6.43
N GLN A 106 -2.63 -18.22 5.92
CA GLN A 106 -3.76 -19.10 6.25
C GLN A 106 -3.20 -20.47 6.69
N CYS A 107 -3.38 -20.83 7.95
CA CYS A 107 -2.91 -22.15 8.46
C CYS A 107 -4.01 -23.19 8.22
N VAL A 108 -3.57 -24.42 7.99
CA VAL A 108 -4.46 -25.59 7.78
C VAL A 108 -3.81 -26.78 8.46
N GLN A 109 -4.61 -27.65 9.08
CA GLN A 109 -4.13 -28.90 9.70
C GLN A 109 -3.71 -29.90 8.61
N MET A 110 -2.62 -30.65 8.85
CA MET A 110 -2.07 -31.70 7.95
C MET A 110 -3.15 -32.74 7.59
N LYS A 111 -4.01 -33.14 8.54
CA LYS A 111 -5.00 -34.24 8.29
C LYS A 111 -5.96 -33.79 7.18
N ASN A 112 -6.20 -32.48 7.07
CA ASN A 112 -7.14 -31.89 6.08
C ASN A 112 -6.45 -31.70 4.73
N VAL A 113 -5.13 -31.88 4.69
CA VAL A 113 -4.33 -31.91 3.42
C VAL A 113 -4.21 -33.36 2.97
N GLN A 114 -4.04 -34.28 3.90
CA GLN A 114 -3.90 -35.73 3.58
C GLN A 114 -5.21 -36.23 2.97
N ARG A 115 -6.33 -35.83 3.56
CA ARG A 115 -7.70 -36.25 3.18
C ARG A 115 -8.61 -35.02 3.21
N THR A 116 -9.05 -34.51 2.07
CA THR A 116 -9.96 -33.34 2.03
C THR A 116 -11.41 -33.82 2.18
N THR A 117 -12.25 -33.00 2.79
CA THR A 117 -13.73 -33.09 2.69
C THR A 117 -14.24 -31.77 2.08
N PRO A 118 -15.38 -31.77 1.38
CA PRO A 118 -16.02 -30.50 0.99
C PRO A 118 -16.15 -29.52 2.15
N GLN A 119 -16.54 -30.02 3.31
CA GLN A 119 -16.71 -29.19 4.51
C GLN A 119 -15.42 -28.54 5.03
N THR A 120 -14.26 -29.23 5.06
CA THR A 120 -12.98 -28.64 5.59
C THR A 120 -12.42 -27.66 4.55
N LEU A 121 -12.54 -27.99 3.26
CA LEU A 121 -12.20 -27.11 2.11
C LEU A 121 -13.02 -25.82 2.17
N SER A 122 -14.30 -25.94 2.56
CA SER A 122 -15.24 -24.81 2.70
C SER A 122 -14.81 -23.94 3.88
N ASN A 123 -14.53 -24.55 5.03
CA ASN A 123 -13.99 -23.86 6.22
C ASN A 123 -12.80 -22.97 5.80
N LEU A 124 -11.90 -23.52 4.99
CA LEU A 124 -10.62 -22.87 4.61
C LEU A 124 -10.93 -21.69 3.69
N CYS A 125 -11.76 -21.94 2.68
CA CYS A 125 -12.20 -20.90 1.73
C CYS A 125 -12.82 -19.71 2.46
N LEU A 126 -13.60 -19.96 3.49
CA LEU A 126 -14.27 -18.87 4.24
C LEU A 126 -13.23 -18.10 5.05
N LYS A 127 -12.30 -18.81 5.69
CA LYS A 127 -11.23 -18.14 6.47
C LYS A 127 -10.40 -17.28 5.53
N ILE A 128 -10.11 -17.79 4.33
CA ILE A 128 -9.28 -17.06 3.33
C ILE A 128 -10.06 -15.86 2.78
N ASN A 129 -11.35 -16.06 2.55
CA ASN A 129 -12.26 -15.00 2.05
C ASN A 129 -12.21 -13.81 3.00
N VAL A 130 -12.32 -14.10 4.29
CA VAL A 130 -12.37 -13.03 5.33
C VAL A 130 -11.04 -12.29 5.35
N LYS A 131 -9.92 -13.00 5.23
CA LYS A 131 -8.56 -12.42 5.30
C LYS A 131 -8.33 -11.48 4.11
N LEU A 132 -8.62 -11.92 2.89
CA LEU A 132 -8.26 -11.20 1.65
C LEU A 132 -9.43 -10.34 1.14
N GLY A 133 -10.56 -10.33 1.85
CA GLY A 133 -11.78 -9.57 1.45
C GLY A 133 -12.19 -8.56 2.51
N LYS B 1 3.18 15.68 -21.06
CA LYS B 1 3.17 16.51 -19.82
C LYS B 1 4.11 17.72 -19.97
N GLN B 2 3.60 18.90 -19.61
CA GLN B 2 4.38 20.14 -19.40
C GLN B 2 5.47 19.86 -18.35
N PHE B 3 6.66 20.40 -18.58
CA PHE B 3 7.72 20.59 -17.54
C PHE B 3 7.23 21.63 -16.54
N HIS B 4 7.51 21.42 -15.25
CA HIS B 4 7.21 22.33 -14.11
C HIS B 4 8.48 23.11 -13.72
N THR B 5 8.35 24.43 -13.67
CA THR B 5 9.41 25.35 -13.25
C THR B 5 9.29 25.52 -11.73
N GLY B 6 10.33 26.08 -11.12
CA GLY B 6 10.27 26.52 -9.71
C GLY B 6 10.41 25.38 -8.74
N ILE B 7 10.57 24.14 -9.21
CA ILE B 7 10.93 23.02 -8.29
C ILE B 7 12.37 23.20 -7.81
N GLU B 8 12.61 22.86 -6.55
CA GLU B 8 13.93 22.92 -5.87
C GLU B 8 14.02 21.75 -4.89
N ILE B 9 14.88 20.79 -5.14
CA ILE B 9 15.00 19.58 -4.28
C ILE B 9 16.17 19.82 -3.32
N LYS B 10 15.89 20.15 -2.07
CA LYS B 10 16.92 20.51 -1.06
C LYS B 10 17.13 19.34 -0.09
N VAL B 11 16.07 18.61 0.28
CA VAL B 11 16.19 17.44 1.19
C VAL B 11 15.72 16.19 0.43
N TRP B 12 16.69 15.31 0.10
CA TRP B 12 16.43 14.07 -0.65
C TRP B 12 17.41 13.01 -0.17
N ALA B 13 17.12 11.73 -0.46
CA ALA B 13 17.92 10.60 0.03
C ALA B 13 18.12 9.57 -1.09
N ILE B 14 19.24 8.84 -0.99
CA ILE B 14 19.53 7.65 -1.84
C ILE B 14 19.41 6.41 -0.97
N ALA B 15 18.68 5.42 -1.49
CA ALA B 15 18.51 4.09 -0.92
C ALA B 15 18.95 3.14 -2.00
N CYS B 16 20.15 2.56 -1.88
CA CYS B 16 20.70 1.69 -2.93
C CYS B 16 20.42 0.21 -2.60
N PHE B 17 19.56 -0.45 -3.38
CA PHE B 17 19.20 -1.88 -3.23
C PHE B 17 20.05 -2.75 -4.16
N ALA B 18 20.82 -2.15 -5.06
CA ALA B 18 21.91 -2.83 -5.79
C ALA B 18 23.05 -3.16 -4.83
N PRO B 19 23.75 -4.30 -5.02
CA PRO B 19 24.87 -4.66 -4.15
C PRO B 19 25.96 -3.58 -4.32
N GLN B 20 26.47 -3.04 -3.22
CA GLN B 20 27.61 -2.09 -3.17
C GLN B 20 28.76 -2.60 -4.05
N ARG B 21 29.00 -3.91 -4.03
CA ARG B 21 30.09 -4.51 -4.83
C ARG B 21 29.89 -4.13 -6.29
N GLN B 22 28.66 -3.90 -6.74
CA GLN B 22 28.36 -3.62 -8.17
C GLN B 22 28.14 -2.13 -8.39
N CYS B 23 27.76 -1.42 -7.34
CA CYS B 23 27.35 0.00 -7.39
C CYS B 23 27.96 0.69 -6.17
N THR B 24 29.25 1.04 -6.30
CA THR B 24 30.10 1.58 -5.20
C THR B 24 29.69 3.02 -4.85
N GLU B 25 30.11 3.51 -3.68
CA GLU B 25 29.91 4.91 -3.21
C GLU B 25 30.43 5.91 -4.26
N VAL B 26 31.52 5.57 -4.95
CA VAL B 26 32.11 6.45 -5.99
C VAL B 26 31.21 6.45 -7.24
N HIS B 27 30.57 5.33 -7.60
CA HIS B 27 29.52 5.31 -8.65
C HIS B 27 28.34 6.21 -8.26
N LEU B 28 27.84 6.07 -7.03
CA LEU B 28 26.70 6.88 -6.53
C LEU B 28 27.07 8.36 -6.55
N LYS B 29 28.30 8.72 -6.17
CA LYS B 29 28.71 10.14 -6.06
C LYS B 29 28.86 10.75 -7.45
N SER B 30 29.38 10.02 -8.43
CA SER B 30 29.61 10.52 -9.80
C SER B 30 28.23 10.76 -10.42
N PHE B 31 27.37 9.76 -10.26
CA PHE B 31 25.94 9.79 -10.68
C PHE B 31 25.25 11.00 -10.04
N THR B 32 25.34 11.19 -8.72
CA THR B 32 24.77 12.37 -8.03
C THR B 32 25.24 13.67 -8.69
N GLU B 33 26.53 13.80 -8.98
CA GLU B 33 27.05 15.07 -9.51
C GLU B 33 26.50 15.26 -10.93
N GLN B 34 26.39 14.19 -11.71
CA GLN B 34 25.88 14.23 -13.10
C GLN B 34 24.39 14.63 -13.08
N LEU B 35 23.64 14.15 -12.10
CA LEU B 35 22.19 14.45 -11.95
C LEU B 35 22.01 15.90 -11.53
N ARG B 36 22.79 16.37 -10.54
CA ARG B 36 22.77 17.77 -10.05
C ARG B 36 22.93 18.75 -11.22
N LYS B 37 23.89 18.48 -12.10
CA LYS B 37 24.26 19.36 -13.24
C LYS B 37 23.07 19.51 -14.20
N ILE B 38 22.47 18.40 -14.64
CA ILE B 38 21.45 18.45 -15.73
C ILE B 38 20.17 19.05 -15.13
N SER B 39 19.89 18.73 -13.87
CA SER B 39 18.68 19.22 -13.18
C SER B 39 18.81 20.73 -13.02
N ARG B 40 19.97 21.21 -12.53
CA ARG B 40 20.24 22.67 -12.37
C ARG B 40 20.03 23.37 -13.71
N ASP B 41 20.68 22.91 -14.77
CA ASP B 41 20.56 23.48 -16.14
C ASP B 41 19.08 23.50 -16.59
N ALA B 42 18.26 22.55 -16.17
CA ALA B 42 16.86 22.43 -16.67
C ALA B 42 15.89 23.17 -15.74
N GLY B 43 16.36 23.86 -14.70
CA GLY B 43 15.51 24.60 -13.76
C GLY B 43 14.68 23.70 -12.86
N MET B 44 15.22 22.55 -12.46
CA MET B 44 14.69 21.79 -11.29
C MET B 44 15.86 21.30 -10.45
N PRO B 45 16.63 22.23 -9.84
CA PRO B 45 17.89 21.89 -9.17
C PRO B 45 17.76 20.93 -7.99
N ILE B 46 18.51 19.82 -8.01
CA ILE B 46 18.85 19.00 -6.81
C ILE B 46 20.02 19.67 -6.11
N GLN B 47 19.82 20.14 -4.88
CA GLN B 47 20.46 21.38 -4.36
C GLN B 47 21.85 21.05 -3.79
N GLY B 48 22.08 19.81 -3.40
CA GLY B 48 23.43 19.36 -3.04
C GLY B 48 23.47 17.88 -2.76
N GLN B 49 24.31 17.48 -1.79
CA GLN B 49 24.45 16.11 -1.19
C GLN B 49 23.10 15.59 -0.70
N PRO B 50 22.81 14.27 -0.79
CA PRO B 50 21.62 13.72 -0.13
C PRO B 50 21.81 13.76 1.39
N CYS B 51 20.72 13.85 2.14
CA CYS B 51 20.70 13.86 3.62
C CYS B 51 20.99 12.45 4.16
N PHE B 52 20.97 11.43 3.30
CA PHE B 52 21.10 10.00 3.63
C PHE B 52 21.42 9.28 2.32
N CYS B 53 22.43 8.41 2.37
CA CYS B 53 22.83 7.50 1.26
C CYS B 53 23.28 6.18 1.87
N LYS B 54 22.49 5.12 1.72
CA LYS B 54 22.81 3.82 2.38
C LYS B 54 22.35 2.67 1.51
N TYR B 55 23.05 1.55 1.67
CA TYR B 55 22.77 0.28 0.98
C TYR B 55 21.75 -0.51 1.80
N ALA B 56 20.87 -1.21 1.10
CA ALA B 56 19.92 -2.17 1.69
C ALA B 56 19.83 -3.36 0.73
N GLN B 57 19.45 -4.54 1.25
CA GLN B 57 19.07 -5.70 0.41
C GLN B 57 17.71 -6.21 0.87
N GLY B 58 16.82 -6.45 -0.10
CA GLY B 58 15.54 -7.14 0.13
C GLY B 58 14.37 -6.19 0.28
N ALA B 59 13.24 -6.58 -0.33
CA ALA B 59 11.91 -5.95 -0.13
C ALA B 59 11.64 -5.75 1.38
N ASP B 60 12.01 -6.73 2.21
CA ASP B 60 11.76 -6.75 3.68
C ASP B 60 12.52 -5.62 4.39
N SER B 61 13.54 -5.04 3.76
CA SER B 61 14.31 -3.89 4.29
C SER B 61 13.63 -2.56 4.00
N VAL B 62 12.77 -2.50 2.98
CA VAL B 62 12.18 -1.21 2.48
C VAL B 62 11.52 -0.48 3.64
N GLU B 63 10.57 -1.13 4.34
CA GLU B 63 9.63 -0.42 5.24
C GLU B 63 10.37 0.10 6.46
N PRO B 64 11.29 -0.65 7.09
CA PRO B 64 12.05 -0.10 8.23
C PRO B 64 12.94 1.10 7.86
N MET B 65 13.62 1.04 6.71
CA MET B 65 14.50 2.12 6.21
C MET B 65 13.64 3.36 5.89
N PHE B 66 12.47 3.20 5.30
CA PHE B 66 11.59 4.35 4.96
C PHE B 66 10.93 4.95 6.22
N ARG B 67 10.52 4.14 7.21
CA ARG B 67 9.99 4.67 8.49
C ARG B 67 11.09 5.52 9.14
N HIS B 68 12.34 5.06 9.04
CA HIS B 68 13.54 5.74 9.60
C HIS B 68 13.71 7.09 8.92
N LEU B 69 13.77 7.11 7.59
CA LEU B 69 13.90 8.35 6.78
C LEU B 69 12.72 9.30 7.09
N LYS B 70 11.49 8.81 7.06
CA LYS B 70 10.30 9.66 7.37
C LYS B 70 10.53 10.37 8.71
N ASN B 71 10.90 9.62 9.75
CA ASN B 71 10.98 10.09 11.16
C ASN B 71 12.15 11.06 11.34
N THR B 72 13.21 10.94 10.54
CA THR B 72 14.57 11.50 10.75
C THR B 72 14.77 12.82 9.98
N TYR B 73 14.21 12.95 8.77
CA TYR B 73 14.44 14.14 7.91
C TYR B 73 13.10 14.79 7.63
N ALA B 74 12.79 15.83 8.41
CA ALA B 74 11.70 16.79 8.15
C ALA B 74 12.02 17.47 6.82
N GLY B 75 10.99 17.71 6.02
CA GLY B 75 11.09 18.32 4.67
C GLY B 75 11.83 17.41 3.70
N LEU B 76 11.97 16.11 3.99
CA LEU B 76 12.41 15.12 2.97
C LEU B 76 11.43 15.23 1.81
N GLN B 77 11.93 15.45 0.61
CA GLN B 77 11.08 15.69 -0.58
C GLN B 77 11.12 14.49 -1.52
N LEU B 78 12.20 13.72 -1.49
CA LEU B 78 12.39 12.61 -2.46
C LEU B 78 13.37 11.58 -1.90
N VAL B 79 13.02 10.30 -2.07
CA VAL B 79 14.00 9.17 -1.99
C VAL B 79 14.24 8.64 -3.41
N VAL B 80 15.46 8.74 -3.92
CA VAL B 80 15.89 8.04 -5.16
C VAL B 80 16.26 6.60 -4.78
N VAL B 81 15.69 5.63 -5.48
CA VAL B 81 15.83 4.20 -5.08
C VAL B 81 16.54 3.49 -6.21
N ILE B 82 17.68 2.90 -5.92
CA ILE B 82 18.47 2.23 -6.98
C ILE B 82 18.16 0.75 -6.93
N LEU B 83 17.77 0.18 -8.07
CA LEU B 83 17.23 -1.20 -8.16
C LEU B 83 18.12 -2.06 -9.06
N PRO B 84 18.56 -3.26 -8.56
CA PRO B 84 19.37 -4.19 -9.35
C PRO B 84 18.52 -5.06 -10.28
N GLY B 85 18.01 -4.50 -11.37
CA GLY B 85 17.19 -5.22 -12.36
C GLY B 85 15.74 -5.36 -11.90
N LYS B 86 15.03 -6.36 -12.45
CA LYS B 86 13.64 -6.73 -12.07
C LYS B 86 13.69 -7.28 -10.64
N THR B 87 12.81 -6.79 -9.75
CA THR B 87 12.88 -7.13 -8.31
C THR B 87 11.59 -6.73 -7.61
N PRO B 88 11.15 -7.54 -6.62
CA PRO B 88 9.93 -7.25 -5.87
C PRO B 88 10.15 -6.02 -5.01
N VAL B 89 11.40 -5.59 -4.91
CA VAL B 89 11.70 -4.31 -4.23
C VAL B 89 10.90 -3.18 -4.92
N TYR B 90 10.71 -3.18 -6.22
CA TYR B 90 10.01 -2.06 -6.89
C TYR B 90 8.62 -1.86 -6.26
N ALA B 91 7.80 -2.92 -6.30
CA ALA B 91 6.41 -3.01 -5.79
C ALA B 91 6.34 -2.63 -4.31
N GLU B 92 7.31 -3.07 -3.51
CA GLU B 92 7.33 -2.78 -2.06
C GLU B 92 7.64 -1.30 -1.80
N VAL B 93 8.56 -0.71 -2.57
CA VAL B 93 8.87 0.77 -2.54
C VAL B 93 7.56 1.58 -2.72
N LYS B 94 6.82 1.34 -3.80
CA LYS B 94 5.54 2.04 -4.12
C LYS B 94 4.51 1.80 -2.98
N ARG B 95 4.35 0.56 -2.52
CA ARG B 95 3.43 0.25 -1.40
C ARG B 95 3.82 1.13 -0.21
N VAL B 96 5.08 1.07 0.23
CA VAL B 96 5.47 1.80 1.46
C VAL B 96 5.39 3.31 1.19
N GLY B 97 5.82 3.75 0.00
CA GLY B 97 5.96 5.18 -0.31
C GLY B 97 4.61 5.85 -0.52
N ASP B 98 3.79 5.26 -1.41
CA ASP B 98 2.52 5.84 -1.91
C ASP B 98 1.34 5.53 -0.97
N THR B 99 1.29 4.36 -0.31
CA THR B 99 0.06 3.96 0.43
C THR B 99 0.28 3.81 1.95
N VAL B 100 1.50 3.62 2.46
CA VAL B 100 1.74 3.46 3.92
C VAL B 100 2.22 4.78 4.51
N LEU B 101 3.23 5.41 3.93
CA LEU B 101 3.91 6.54 4.61
C LEU B 101 3.66 7.89 3.92
N GLY B 102 3.29 7.90 2.63
CA GLY B 102 3.22 9.14 1.86
C GLY B 102 4.58 9.80 1.69
N MET B 103 5.47 9.15 0.95
CA MET B 103 6.81 9.68 0.61
C MET B 103 7.03 9.52 -0.89
N ALA B 104 7.40 10.60 -1.55
CA ALA B 104 7.81 10.57 -2.96
C ALA B 104 9.07 9.70 -3.07
N THR B 105 9.01 8.74 -3.99
CA THR B 105 10.12 7.83 -4.35
C THR B 105 10.27 7.92 -5.85
N GLN B 106 11.51 7.86 -6.29
CA GLN B 106 11.84 7.74 -7.71
C GLN B 106 12.84 6.58 -7.84
N CYS B 107 12.50 5.59 -8.64
CA CYS B 107 13.33 4.39 -8.84
C CYS B 107 14.21 4.62 -10.05
N VAL B 108 15.38 3.98 -10.05
CA VAL B 108 16.33 4.04 -11.20
C VAL B 108 17.05 2.71 -11.28
N GLN B 109 17.29 2.24 -12.49
CA GLN B 109 18.01 0.96 -12.74
C GLN B 109 19.50 1.17 -12.44
N MET B 110 20.06 0.27 -11.63
CA MET B 110 21.51 0.16 -11.30
C MET B 110 22.39 0.48 -12.51
N LYS B 111 22.04 -0.01 -13.71
CA LYS B 111 22.88 0.14 -14.93
C LYS B 111 23.01 1.62 -15.34
N ASN B 112 21.97 2.44 -15.16
CA ASN B 112 21.95 3.89 -15.48
C ASN B 112 22.68 4.68 -14.39
N VAL B 113 22.98 4.09 -13.23
CA VAL B 113 23.85 4.72 -12.18
C VAL B 113 25.31 4.33 -12.50
N GLN B 114 25.53 3.12 -13.01
CA GLN B 114 26.88 2.60 -13.37
C GLN B 114 27.36 3.36 -14.61
N ARG B 115 26.51 3.43 -15.64
CA ARG B 115 26.78 4.05 -16.97
C ARG B 115 25.78 5.18 -17.20
N THR B 116 26.02 6.39 -16.66
CA THR B 116 25.17 7.57 -16.91
C THR B 116 25.35 7.96 -18.38
N THR B 117 24.27 8.39 -19.03
CA THR B 117 24.25 9.13 -20.32
C THR B 117 23.32 10.31 -20.11
N PRO B 118 23.50 11.44 -20.82
CA PRO B 118 22.55 12.55 -20.73
C PRO B 118 21.08 12.10 -20.92
N GLN B 119 20.81 11.23 -21.88
CA GLN B 119 19.44 10.76 -22.24
C GLN B 119 18.78 10.01 -21.07
N THR B 120 19.51 9.17 -20.33
CA THR B 120 18.99 8.46 -19.14
C THR B 120 18.88 9.42 -17.95
N LEU B 121 19.77 10.40 -17.83
CA LEU B 121 19.64 11.40 -16.72
C LEU B 121 18.41 12.26 -17.02
N SER B 122 18.13 12.54 -18.29
CA SER B 122 16.96 13.33 -18.75
C SER B 122 15.70 12.54 -18.43
N ASN B 123 15.61 11.27 -18.86
CA ASN B 123 14.49 10.37 -18.51
C ASN B 123 14.20 10.53 -17.02
N LEU B 124 15.24 10.47 -16.18
CA LEU B 124 15.04 10.46 -14.71
C LEU B 124 14.52 11.83 -14.26
N CYS B 125 15.11 12.93 -14.74
CA CYS B 125 14.66 14.29 -14.35
C CYS B 125 13.17 14.49 -14.66
N LEU B 126 12.74 14.02 -15.85
CA LEU B 126 11.36 14.23 -16.35
C LEU B 126 10.38 13.46 -15.46
N LYS B 127 10.80 12.29 -14.98
CA LYS B 127 9.99 11.48 -14.02
C LYS B 127 9.91 12.21 -12.68
N ILE B 128 11.02 12.74 -12.17
CA ILE B 128 11.02 13.47 -10.87
C ILE B 128 10.15 14.71 -11.00
N ASN B 129 10.11 15.32 -12.17
CA ASN B 129 9.46 16.64 -12.35
C ASN B 129 7.95 16.43 -12.27
N VAL B 130 7.44 15.31 -12.79
CA VAL B 130 5.99 14.91 -12.70
C VAL B 130 5.59 14.75 -11.23
N LYS B 131 6.45 14.09 -10.46
CA LYS B 131 6.18 13.66 -9.06
C LYS B 131 6.16 14.86 -8.12
N LEU B 132 7.12 15.78 -8.24
CA LEU B 132 7.28 16.90 -7.29
C LEU B 132 6.58 18.14 -7.85
N GLY B 133 6.04 18.05 -9.07
CA GLY B 133 5.12 19.04 -9.66
C GLY B 133 3.69 18.81 -9.21
N LYS C 1 -14.12 34.77 1.17
CA LYS C 1 -14.92 33.48 1.11
C LYS C 1 -16.11 33.59 2.07
N GLN C 2 -17.33 33.75 1.56
CA GLN C 2 -18.53 33.65 2.43
C GLN C 2 -18.55 32.24 3.04
N PHE C 3 -18.88 32.14 4.33
CA PHE C 3 -19.23 30.89 5.03
C PHE C 3 -20.74 30.72 4.91
N HIS C 4 -21.20 29.47 4.82
CA HIS C 4 -22.63 29.10 4.60
C HIS C 4 -23.10 28.24 5.79
N THR C 5 -24.13 28.70 6.50
CA THR C 5 -24.80 28.01 7.62
C THR C 5 -26.19 27.54 7.16
N GLY C 6 -26.84 26.70 7.95
CA GLY C 6 -28.12 26.08 7.60
C GLY C 6 -27.98 25.02 6.52
N ILE C 7 -26.76 24.70 6.08
CA ILE C 7 -26.56 23.57 5.12
C ILE C 7 -26.51 22.23 5.87
N GLU C 8 -26.68 21.13 5.15
CA GLU C 8 -26.74 19.75 5.70
C GLU C 8 -26.07 18.79 4.72
N ILE C 9 -24.95 18.16 5.09
CA ILE C 9 -24.37 17.02 4.31
C ILE C 9 -25.05 15.74 4.84
N LYS C 10 -25.94 15.15 4.05
CA LYS C 10 -26.85 14.06 4.51
C LYS C 10 -26.30 12.71 4.06
N VAL C 11 -25.74 12.67 2.85
CA VAL C 11 -25.16 11.44 2.23
C VAL C 11 -23.71 11.76 1.80
N TRP C 12 -22.78 11.13 2.52
CA TRP C 12 -21.32 11.28 2.35
C TRP C 12 -20.60 9.93 2.55
N ALA C 13 -19.48 9.74 1.86
CA ALA C 13 -18.68 8.50 1.91
C ALA C 13 -17.23 8.82 2.33
N ILE C 14 -16.64 7.90 3.10
CA ILE C 14 -15.20 7.86 3.51
C ILE C 14 -14.51 6.81 2.64
N ALA C 15 -13.53 7.23 1.84
CA ALA C 15 -12.56 6.33 1.17
C ALA C 15 -11.20 6.51 1.83
N CYS C 16 -10.68 5.46 2.48
CA CYS C 16 -9.36 5.43 3.17
C CYS C 16 -8.31 4.76 2.27
N PHE C 17 -7.43 5.57 1.71
CA PHE C 17 -6.29 5.09 0.89
C PHE C 17 -5.10 4.78 1.80
N ALA C 18 -5.20 5.10 3.10
CA ALA C 18 -4.27 4.63 4.16
C ALA C 18 -4.65 3.20 4.50
N PRO C 19 -3.69 2.36 4.96
CA PRO C 19 -3.97 0.95 5.22
C PRO C 19 -4.67 0.89 6.58
N GLN C 20 -5.56 -0.08 6.76
CA GLN C 20 -6.36 -0.21 8.00
C GLN C 20 -5.43 -0.29 9.21
N ARG C 21 -4.26 -0.91 9.03
CA ARG C 21 -3.24 -1.15 10.09
C ARG C 21 -2.83 0.18 10.76
N GLN C 22 -2.78 1.29 10.04
CA GLN C 22 -2.43 2.61 10.59
C GLN C 22 -3.70 3.42 10.90
N CYS C 23 -4.76 3.22 10.11
CA CYS C 23 -6.02 3.97 10.21
C CYS C 23 -7.19 3.01 10.42
N THR C 24 -7.39 2.64 11.68
CA THR C 24 -8.27 1.54 12.12
C THR C 24 -9.71 2.04 12.20
N GLU C 25 -10.62 1.10 12.40
CA GLU C 25 -12.07 1.34 12.45
C GLU C 25 -12.37 2.29 13.62
N VAL C 26 -11.62 2.21 14.72
CA VAL C 26 -11.83 3.08 15.90
C VAL C 26 -11.30 4.48 15.63
N HIS C 27 -10.21 4.60 14.86
CA HIS C 27 -9.71 5.90 14.36
C HIS C 27 -10.83 6.55 13.53
N LEU C 28 -11.33 5.85 12.52
CA LEU C 28 -12.36 6.32 11.56
C LEU C 28 -13.65 6.75 12.29
N LYS C 29 -14.06 6.01 13.30
CA LYS C 29 -15.36 6.17 14.01
C LYS C 29 -15.25 7.35 14.99
N SER C 30 -14.15 7.41 15.73
CA SER C 30 -13.77 8.57 16.59
C SER C 30 -13.79 9.84 15.74
N PHE C 31 -13.03 9.86 14.65
CA PHE C 31 -12.99 10.99 13.68
C PHE C 31 -14.41 11.39 13.24
N THR C 32 -15.18 10.43 12.71
CA THR C 32 -16.54 10.63 12.15
C THR C 32 -17.42 11.32 13.18
N GLU C 33 -17.36 10.85 14.41
CA GLU C 33 -18.16 11.40 15.52
C GLU C 33 -17.72 12.83 15.84
N GLN C 34 -16.42 13.05 15.95
CA GLN C 34 -15.86 14.40 16.25
C GLN C 34 -16.29 15.35 15.12
N LEU C 35 -16.22 14.92 13.86
CA LEU C 35 -16.60 15.74 12.68
C LEU C 35 -18.09 16.08 12.75
N ARG C 36 -18.87 15.10 13.21
CA ARG C 36 -20.33 15.24 13.39
C ARG C 36 -20.59 16.37 14.38
N LYS C 37 -19.99 16.34 15.56
CA LYS C 37 -20.26 17.32 16.63
C LYS C 37 -19.94 18.74 16.17
N ILE C 38 -18.72 18.97 15.69
CA ILE C 38 -18.25 20.34 15.38
C ILE C 38 -19.01 20.85 14.15
N SER C 39 -19.18 20.04 13.10
CA SER C 39 -19.93 20.40 11.87
C SER C 39 -21.35 20.88 12.26
N ARG C 40 -22.07 20.12 13.10
CA ARG C 40 -23.40 20.48 13.66
C ARG C 40 -23.32 21.86 14.32
N ASP C 41 -22.40 22.05 15.25
CA ASP C 41 -22.24 23.29 16.04
C ASP C 41 -21.91 24.46 15.10
N ALA C 42 -21.21 24.21 14.00
CA ALA C 42 -20.83 25.25 13.02
C ALA C 42 -21.98 25.48 12.04
N GLY C 43 -23.12 24.82 12.23
CA GLY C 43 -24.32 25.02 11.41
C GLY C 43 -24.16 24.48 10.02
N MET C 44 -23.24 23.53 9.82
CA MET C 44 -23.09 22.79 8.54
C MET C 44 -23.08 21.29 8.82
N PRO C 45 -24.11 20.75 9.52
CA PRO C 45 -24.07 19.39 10.03
C PRO C 45 -23.80 18.33 8.93
N ILE C 46 -22.81 17.49 9.22
CA ILE C 46 -22.46 16.33 8.37
C ILE C 46 -23.11 15.15 9.08
N GLN C 47 -23.86 14.31 8.36
CA GLN C 47 -24.53 13.16 9.04
C GLN C 47 -23.44 12.34 9.73
N GLY C 48 -23.69 11.98 10.97
CA GLY C 48 -22.68 11.28 11.78
C GLY C 48 -22.56 9.85 11.33
N GLN C 49 -23.28 9.45 10.29
CA GLN C 49 -23.18 8.00 10.00
C GLN C 49 -22.97 7.84 8.49
N PRO C 50 -21.74 7.62 7.98
CA PRO C 50 -21.47 7.68 6.54
C PRO C 50 -22.21 6.51 5.89
N CYS C 51 -22.56 6.64 4.61
CA CYS C 51 -23.29 5.60 3.85
C CYS C 51 -22.29 4.51 3.46
N PHE C 52 -21.03 4.92 3.24
CA PHE C 52 -19.91 4.06 2.77
C PHE C 52 -18.65 4.40 3.58
N CYS C 53 -17.84 3.37 3.83
CA CYS C 53 -16.58 3.43 4.61
C CYS C 53 -15.75 2.17 4.28
N LYS C 54 -14.94 2.22 3.20
CA LYS C 54 -14.04 1.11 2.79
C LYS C 54 -12.60 1.59 2.56
N TYR C 55 -11.64 0.68 2.75
CA TYR C 55 -10.20 0.88 2.45
C TYR C 55 -9.92 0.48 1.01
N ALA C 56 -8.91 1.09 0.41
CA ALA C 56 -8.44 0.85 -0.97
C ALA C 56 -6.95 1.19 -1.02
N GLN C 57 -6.23 0.79 -2.07
CA GLN C 57 -4.77 1.03 -2.18
C GLN C 57 -4.44 1.39 -3.63
N GLY C 58 -3.56 2.37 -3.83
CA GLY C 58 -3.00 2.72 -5.15
C GLY C 58 -3.91 3.65 -5.91
N ALA C 59 -3.31 4.48 -6.77
CA ALA C 59 -4.02 5.40 -7.68
C ALA C 59 -5.02 4.62 -8.55
N ASP C 60 -4.80 3.32 -8.74
CA ASP C 60 -5.62 2.42 -9.60
C ASP C 60 -7.00 2.21 -8.98
N SER C 61 -7.07 2.17 -7.65
CA SER C 61 -8.30 1.84 -6.88
C SER C 61 -9.31 2.99 -6.96
N VAL C 62 -8.90 4.17 -7.42
CA VAL C 62 -9.63 5.46 -7.31
C VAL C 62 -10.86 5.43 -8.23
N GLU C 63 -10.64 5.47 -9.55
CA GLU C 63 -11.68 5.72 -10.57
C GLU C 63 -12.75 4.62 -10.53
N PRO C 64 -12.36 3.34 -10.35
CA PRO C 64 -13.34 2.28 -10.12
C PRO C 64 -14.12 2.44 -8.81
N MET C 65 -13.51 3.04 -7.78
CA MET C 65 -14.18 3.23 -6.45
C MET C 65 -15.24 4.31 -6.59
N PHE C 66 -14.94 5.42 -7.29
CA PHE C 66 -15.83 6.61 -7.40
C PHE C 66 -17.02 6.29 -8.31
N ARG C 67 -16.80 5.44 -9.32
CA ARG C 67 -17.89 4.84 -10.13
C ARG C 67 -18.81 3.98 -9.27
N HIS C 68 -18.32 3.07 -8.42
CA HIS C 68 -19.21 2.31 -7.49
C HIS C 68 -19.95 3.31 -6.62
N LEU C 69 -19.28 4.39 -6.20
CA LEU C 69 -19.84 5.34 -5.21
C LEU C 69 -21.05 6.03 -5.83
N LYS C 70 -20.82 6.71 -6.95
CA LYS C 70 -21.87 7.38 -7.73
C LYS C 70 -23.08 6.44 -7.87
N ASN C 71 -22.88 5.32 -8.57
CA ASN C 71 -23.93 4.39 -9.06
C ASN C 71 -24.77 3.88 -7.88
N THR C 72 -24.21 3.67 -6.67
CA THR C 72 -24.87 2.95 -5.54
C THR C 72 -25.65 3.88 -4.61
N TYR C 73 -25.10 5.07 -4.35
CA TYR C 73 -25.55 5.97 -3.25
C TYR C 73 -26.10 7.25 -3.86
N ALA C 74 -27.36 7.20 -4.30
CA ALA C 74 -28.06 8.37 -4.86
C ALA C 74 -28.13 9.39 -3.73
N GLY C 75 -27.93 10.67 -4.08
CA GLY C 75 -27.89 11.80 -3.11
C GLY C 75 -26.54 11.96 -2.41
N LEU C 76 -25.47 11.45 -3.02
CA LEU C 76 -24.10 11.54 -2.47
C LEU C 76 -23.57 12.94 -2.74
N GLN C 77 -23.20 13.63 -1.67
CA GLN C 77 -22.77 15.05 -1.72
C GLN C 77 -21.26 15.15 -1.57
N LEU C 78 -20.63 14.19 -0.90
CA LEU C 78 -19.17 14.33 -0.62
C LEU C 78 -18.52 12.97 -0.41
N VAL C 79 -17.32 12.81 -0.97
CA VAL C 79 -16.38 11.73 -0.56
C VAL C 79 -15.22 12.34 0.25
N VAL C 80 -15.14 11.97 1.53
CA VAL C 80 -13.97 12.25 2.41
C VAL C 80 -12.90 11.23 2.05
N VAL C 81 -11.76 11.72 1.56
CA VAL C 81 -10.61 10.89 1.09
C VAL C 81 -9.44 11.06 2.08
N ILE C 82 -9.16 10.00 2.85
CA ILE C 82 -8.04 9.89 3.84
C ILE C 82 -6.77 9.42 3.12
N LEU C 83 -5.74 10.24 3.11
CA LEU C 83 -4.48 9.96 2.38
C LEU C 83 -3.31 9.90 3.35
N PRO C 84 -2.34 8.97 3.13
CA PRO C 84 -1.15 8.84 3.96
C PRO C 84 -0.29 10.10 4.12
N GLY C 85 0.19 10.69 3.03
CA GLY C 85 1.06 11.90 3.14
C GLY C 85 1.05 12.70 1.85
N LYS C 86 2.14 12.68 1.09
CA LYS C 86 2.17 13.01 -0.36
C LYS C 86 1.96 11.68 -1.08
N THR C 87 1.04 11.60 -2.03
CA THR C 87 0.78 10.38 -2.81
C THR C 87 0.16 10.77 -4.15
N PRO C 88 0.65 10.18 -5.27
CA PRO C 88 0.04 10.37 -6.57
C PRO C 88 -1.48 10.15 -6.56
N VAL C 89 -1.99 9.40 -5.59
CA VAL C 89 -3.46 9.17 -5.39
C VAL C 89 -4.20 10.52 -5.36
N TYR C 90 -3.60 11.57 -4.82
CA TYR C 90 -4.26 12.88 -4.65
C TYR C 90 -4.62 13.46 -6.02
N ALA C 91 -3.61 13.69 -6.85
CA ALA C 91 -3.76 14.24 -8.21
C ALA C 91 -4.78 13.39 -8.96
N GLU C 92 -4.76 12.09 -8.71
CA GLU C 92 -5.69 11.11 -9.32
C GLU C 92 -7.09 11.23 -8.71
N VAL C 93 -7.21 11.60 -7.43
CA VAL C 93 -8.54 11.73 -6.76
C VAL C 93 -9.24 12.94 -7.38
N LYS C 94 -8.47 14.00 -7.60
CA LYS C 94 -8.93 15.26 -8.22
C LYS C 94 -9.21 15.02 -9.70
N ARG C 95 -8.27 14.40 -10.43
CA ARG C 95 -8.43 14.10 -11.88
C ARG C 95 -9.83 13.50 -12.11
N VAL C 96 -10.27 12.59 -11.24
CA VAL C 96 -11.45 11.70 -11.45
C VAL C 96 -12.74 12.33 -10.91
N GLY C 97 -12.68 12.93 -9.72
CA GLY C 97 -13.83 13.56 -9.04
C GLY C 97 -14.22 14.87 -9.72
N ASP C 98 -13.23 15.65 -10.14
CA ASP C 98 -13.43 16.96 -10.83
C ASP C 98 -13.79 16.75 -12.31
N THR C 99 -12.79 16.37 -13.12
CA THR C 99 -12.76 16.48 -14.59
C THR C 99 -13.41 15.28 -15.28
N VAL C 100 -13.96 14.32 -14.52
CA VAL C 100 -14.39 13.01 -15.08
C VAL C 100 -15.72 12.53 -14.51
N LEU C 101 -15.97 12.71 -13.20
CA LEU C 101 -17.22 12.19 -12.61
C LEU C 101 -18.08 13.27 -11.95
N GLY C 102 -17.63 14.51 -11.93
CA GLY C 102 -18.43 15.59 -11.28
C GLY C 102 -18.82 15.24 -9.85
N MET C 103 -17.86 14.82 -9.03
CA MET C 103 -18.15 14.44 -7.62
C MET C 103 -17.34 15.30 -6.64
N ALA C 104 -17.95 15.67 -5.51
CA ALA C 104 -17.26 16.45 -4.47
C ALA C 104 -16.33 15.50 -3.68
N THR C 105 -15.04 15.82 -3.64
CA THR C 105 -14.04 15.15 -2.77
C THR C 105 -13.43 16.17 -1.81
N GLN C 106 -13.23 15.77 -0.56
CA GLN C 106 -12.37 16.48 0.41
C GLN C 106 -11.33 15.50 0.93
N CYS C 107 -10.05 15.81 0.72
CA CYS C 107 -8.90 15.04 1.27
C CYS C 107 -8.56 15.53 2.67
N VAL C 108 -8.11 14.58 3.48
CA VAL C 108 -7.63 14.81 4.85
C VAL C 108 -6.44 13.84 5.08
N GLN C 109 -5.42 14.33 5.78
CA GLN C 109 -4.20 13.55 6.09
C GLN C 109 -4.58 12.53 7.16
N MET C 110 -4.15 11.29 6.96
CA MET C 110 -4.25 10.11 7.88
C MET C 110 -3.90 10.51 9.32
N LYS C 111 -2.88 11.33 9.55
CA LYS C 111 -2.47 11.73 10.93
C LYS C 111 -3.60 12.51 11.64
N ASN C 112 -4.43 13.23 10.88
CA ASN C 112 -5.46 14.12 11.43
C ASN C 112 -6.73 13.32 11.70
N VAL C 113 -6.83 12.11 11.14
CA VAL C 113 -7.86 11.08 11.46
C VAL C 113 -7.40 10.25 12.65
N GLN C 114 -6.11 9.88 12.71
CA GLN C 114 -5.53 9.07 13.82
C GLN C 114 -5.71 9.83 15.15
N ARG C 115 -5.32 11.09 15.16
CA ARG C 115 -5.40 12.04 16.30
C ARG C 115 -6.09 13.31 15.81
N THR C 116 -7.37 13.51 16.14
CA THR C 116 -8.07 14.79 15.80
C THR C 116 -7.68 15.82 16.85
N THR C 117 -7.62 17.10 16.48
CA THR C 117 -7.75 18.27 17.37
C THR C 117 -8.94 19.12 16.89
N PRO C 118 -9.57 19.95 17.74
CA PRO C 118 -10.55 20.92 17.24
C PRO C 118 -10.05 21.74 16.03
N GLN C 119 -8.75 22.06 16.05
CA GLN C 119 -8.12 23.02 15.12
C GLN C 119 -8.16 22.36 13.76
N THR C 120 -7.81 21.09 13.68
CA THR C 120 -7.71 20.36 12.40
C THR C 120 -9.12 19.96 11.93
N LEU C 121 -10.06 19.64 12.81
CA LEU C 121 -11.46 19.40 12.37
C LEU C 121 -12.02 20.73 11.87
N SER C 122 -11.65 21.86 12.48
CA SER C 122 -12.09 23.23 12.01
C SER C 122 -11.56 23.48 10.59
N ASN C 123 -10.27 23.23 10.35
CA ASN C 123 -9.66 23.40 9.01
C ASN C 123 -10.46 22.58 8.00
N LEU C 124 -10.86 21.36 8.35
CA LEU C 124 -11.49 20.43 7.39
C LEU C 124 -12.88 20.96 7.07
N CYS C 125 -13.64 21.29 8.11
CA CYS C 125 -14.99 21.88 7.97
C CYS C 125 -14.92 23.11 7.06
N LEU C 126 -13.99 24.01 7.35
CA LEU C 126 -13.81 25.25 6.56
C LEU C 126 -13.66 24.88 5.10
N LYS C 127 -12.82 23.86 4.81
CA LYS C 127 -12.54 23.41 3.43
C LYS C 127 -13.79 22.77 2.82
N ILE C 128 -14.56 22.05 3.61
CA ILE C 128 -15.81 21.40 3.10
C ILE C 128 -16.80 22.52 2.73
N ASN C 129 -16.88 23.55 3.57
CA ASN C 129 -17.88 24.64 3.42
C ASN C 129 -17.60 25.33 2.10
N VAL C 130 -16.33 25.66 1.84
CA VAL C 130 -15.87 26.29 0.57
C VAL C 130 -16.38 25.45 -0.62
N LYS C 131 -16.33 24.13 -0.55
CA LYS C 131 -16.68 23.24 -1.69
C LYS C 131 -18.19 23.25 -1.92
N LEU C 132 -19.00 22.94 -0.91
CA LEU C 132 -20.44 22.59 -1.03
C LEU C 132 -21.39 23.78 -0.81
N GLY C 133 -20.89 24.90 -0.30
CA GLY C 133 -21.68 26.07 0.09
C GLY C 133 -22.00 26.96 -1.09
N GLY C 134 -23.28 27.32 -1.26
CA GLY C 134 -23.79 28.24 -2.31
C GLY C 134 -23.94 27.55 -3.65
N VAL C 135 -23.99 26.21 -3.66
CA VAL C 135 -23.99 25.38 -4.91
C VAL C 135 -24.59 24.02 -4.54
P 8BR D . -5.55 -19.16 10.63
O1P 8BR D . -6.94 -19.03 10.02
O2P 8BR D . -4.46 -18.82 9.63
O3P 8BR D . -5.43 -18.46 11.92
O5' 8BR D . -5.34 -20.70 11.01
C5' 8BR D . -6.45 -21.47 11.49
C4' 8BR D . -6.03 -22.89 11.80
O4' 8BR D . -4.87 -22.87 12.66
C3' 8BR D . -7.07 -23.71 12.58
O3' 8BR D . -7.98 -24.34 11.70
C2' 8BR D . -6.22 -24.72 13.36
O2' 8BR D . -6.29 -25.96 12.68
C1' 8BR D . -4.82 -24.10 13.35
N9 8BR D . -4.21 -23.84 14.67
C8 8BR D . -4.53 -22.90 15.62
BR8 8BR D . -6.01 -21.77 15.60
N7 8BR D . -3.68 -22.90 16.63
C5 8BR D . -2.76 -23.89 16.34
C6 8BR D . -1.64 -24.37 17.00
N6 8BR D . -1.21 -23.92 18.18
N1 8BR D . -0.95 -25.36 16.41
C2 8BR D . -1.39 -25.83 15.23
N3 8BR D . -2.43 -25.45 14.50
C4 8BR D . -3.08 -24.47 15.12
P 8BR E . 9.16 5.33 -10.65
O1P 8BR E . 7.89 4.50 -10.79
O2P 8BR E . 9.58 5.61 -9.21
O3P 8BR E . 9.12 6.55 -11.52
O5' 8BR E . 10.35 4.43 -11.27
C5' 8BR E . 10.19 3.84 -12.57
C4' 8BR E . 11.34 2.90 -12.85
O4' 8BR E . 11.16 1.68 -12.08
C3' 8BR E . 11.41 2.43 -14.31
O3' 8BR E . 12.24 3.31 -15.07
C2' 8BR E . 11.91 0.98 -14.21
O2' 8BR E . 13.28 0.87 -14.55
C1' 8BR E . 11.72 0.58 -12.76
N9 8BR E . 10.87 -0.61 -12.54
C8 8BR E . 9.53 -0.77 -12.83
BR8 8BR E . 8.38 0.44 -13.64
N7 8BR E . 9.09 -1.96 -12.47
C5 8BR E . 10.16 -2.62 -11.91
C6 8BR E . 10.29 -3.91 -11.35
N6 8BR E . 9.30 -4.78 -11.24
N1 8BR E . 11.53 -4.24 -10.89
C2 8BR E . 12.51 -3.35 -10.99
N3 8BR E . 12.49 -2.11 -11.49
C4 8BR E . 11.27 -1.79 -11.95
P 8BR F . -8.71 19.02 -0.98
O1P 8BR F . -9.72 17.92 -1.23
O2P 8BR F . -8.09 19.54 -2.29
O3P 8BR F . -9.22 20.16 -0.07
O5' 8BR F . -7.54 18.33 -0.12
C5' 8BR F . -6.88 19.11 0.92
C4' 8BR F . -5.83 18.27 1.59
O4' 8BR F . -5.22 17.39 0.62
C3' 8BR F . -4.66 19.06 2.18
O3' 8BR F . -4.90 19.34 3.56
C2' 8BR F . -3.46 18.13 2.01
O2' 8BR F . -3.07 17.67 3.29
C1' 8BR F . -3.95 17.02 1.08
N9 8BR F . -3.05 16.76 -0.09
C8 8BR F . -2.75 17.58 -1.15
BR8 8BR F . -3.39 19.29 -1.40
N7 8BR F . -1.91 17.02 -2.00
C5 8BR F . -1.67 15.76 -1.50
C6 8BR F . -0.88 14.70 -1.94
N6 8BR F . -0.16 14.71 -3.05
N1 8BR F . -0.90 13.57 -1.20
C2 8BR F . -1.63 13.54 -0.09
N3 8BR F . -2.38 14.49 0.46
C4 8BR F . -2.37 15.58 -0.31
#